data_2PIG
#
_entry.id   2PIG
#
_cell.length_a   103.603
_cell.length_b   103.603
_cell.length_c   160.577
_cell.angle_alpha   90.000
_cell.angle_beta   90.000
_cell.angle_gamma   90.000
#
_symmetry.space_group_name_H-M   'P 41 21 2'
#
loop_
_entity.id
_entity.type
_entity.pdbx_description
1 polymer 'Putative transferase'
2 non-polymer 'ZINC ION'
3 water water
#
_entity_poly.entity_id   1
_entity_poly.type   'polypeptide(L)'
_entity_poly.pdbx_seq_one_letter_code
;(MSE)TKYRLSEGPRAFTYQVDGEKKSVLLRQVIAVTDFNDVKAGTSGGWVDADNVLSQQGDCWIYDENA(MSE)AFAGT
EITGNARITQPCTLYNNVRIGDNVWIDRADISDGARISDNVTIQSSSVREECAIYGDARVLNQSEILAIQGLTHEHAQIL
QIYDRATVNHSRIVHQVQLYGNATITHAFIEHRAEVFDFALIEGDKDNNVWICDCAKVYGHARVIAGTEEDAIPTLRYSS
QVAEHALIEGNCVLKHHVLVGGHAEVRGGPILLDDRVLIEGHACIQGEILIERQVEISGRAAVIAFDDNTIHLRGPKVIN
GEDRITRTPLVGSLLEHHHHHH
;
_entity_poly.pdbx_strand_id   A,B
#
# COMPACT_ATOMS: atom_id res chain seq x y z
N LYS A 3 -1.00 -46.11 -11.69
CA LYS A 3 -1.53 -44.77 -12.12
C LYS A 3 -1.21 -44.43 -13.58
N TYR A 4 0.06 -44.55 -13.96
CA TYR A 4 0.45 -44.23 -15.33
C TYR A 4 1.58 -45.10 -15.83
N ARG A 5 1.81 -45.07 -17.13
CA ARG A 5 2.87 -45.84 -17.76
C ARG A 5 3.59 -44.87 -18.69
N LEU A 6 4.85 -45.15 -19.00
CA LEU A 6 5.61 -44.31 -19.90
C LEU A 6 5.41 -44.79 -21.33
N SER A 7 5.45 -43.88 -22.29
CA SER A 7 5.29 -44.23 -23.68
C SER A 7 6.58 -44.92 -24.13
N GLU A 8 6.45 -45.98 -24.91
CA GLU A 8 7.60 -46.73 -25.39
C GLU A 8 8.57 -45.92 -26.25
N GLY A 9 8.04 -45.00 -27.06
CA GLY A 9 8.88 -44.20 -27.93
C GLY A 9 9.35 -42.88 -27.34
N PRO A 10 10.62 -42.79 -26.93
CA PRO A 10 11.20 -41.58 -26.35
C PRO A 10 11.43 -40.49 -27.39
N ARG A 11 11.12 -39.25 -27.02
CA ARG A 11 11.30 -38.13 -27.94
C ARG A 11 12.35 -37.16 -27.38
N ALA A 12 12.90 -36.32 -28.24
CA ALA A 12 13.91 -35.36 -27.83
C ALA A 12 13.34 -33.97 -27.68
N PHE A 13 13.56 -33.34 -26.53
CA PHE A 13 13.07 -31.99 -26.29
C PHE A 13 14.25 -31.06 -26.03
N THR A 14 14.02 -29.78 -26.25
CA THR A 14 15.05 -28.76 -26.05
C THR A 14 14.63 -27.75 -25.01
N TYR A 15 15.61 -27.21 -24.29
CA TYR A 15 15.34 -26.21 -23.27
C TYR A 15 16.51 -25.25 -23.19
N GLN A 16 16.21 -24.00 -22.83
CA GLN A 16 17.21 -22.95 -22.73
C GLN A 16 17.83 -22.90 -21.33
N VAL A 17 19.16 -22.93 -21.26
CA VAL A 17 19.88 -22.87 -19.99
C VAL A 17 21.04 -21.88 -20.10
N ASP A 18 20.81 -20.64 -19.66
CA ASP A 18 21.81 -19.59 -19.73
C ASP A 18 22.24 -19.39 -21.18
N GLY A 19 21.30 -18.94 -22.00
CA GLY A 19 21.59 -18.69 -23.40
C GLY A 19 21.95 -19.91 -24.20
N GLU A 20 22.13 -21.03 -23.54
CA GLU A 20 22.48 -22.28 -24.23
C GLU A 20 21.24 -23.01 -24.73
N LYS A 21 21.47 -23.92 -25.66
CA LYS A 21 20.42 -24.74 -26.26
C LYS A 21 20.67 -26.17 -25.79
N LYS A 22 19.73 -26.73 -25.03
CA LYS A 22 19.89 -28.08 -24.51
C LYS A 22 18.90 -29.07 -25.11
N SER A 23 19.26 -30.35 -25.03
CA SER A 23 18.41 -31.42 -25.55
C SER A 23 18.41 -32.60 -24.61
N VAL A 24 17.23 -33.21 -24.44
CA VAL A 24 17.11 -34.37 -23.56
C VAL A 24 16.05 -35.32 -24.10
N LEU A 25 16.21 -36.62 -23.83
CA LEU A 25 15.26 -37.63 -24.28
C LEU A 25 14.25 -37.92 -23.20
N LEU A 26 12.98 -37.72 -23.52
CA LEU A 26 11.92 -37.94 -22.54
C LEU A 26 10.81 -38.86 -23.07
N ARG A 27 10.22 -39.63 -22.16
CA ARG A 27 9.12 -40.51 -22.52
C ARG A 27 7.92 -39.78 -21.95
N GLN A 28 6.78 -39.88 -22.61
CA GLN A 28 5.58 -39.19 -22.15
C GLN A 28 4.74 -40.01 -21.19
N VAL A 29 4.20 -39.34 -20.17
CA VAL A 29 3.36 -40.02 -19.18
C VAL A 29 1.96 -40.22 -19.75
N ILE A 30 1.35 -41.35 -19.41
CA ILE A 30 0.02 -41.69 -19.89
C ILE A 30 -0.79 -42.37 -18.79
N ALA A 31 -1.93 -41.80 -18.44
CA ALA A 31 -2.78 -42.36 -17.40
C ALA A 31 -3.33 -43.73 -17.83
N VAL A 32 -3.31 -44.68 -16.91
CA VAL A 32 -3.82 -46.02 -17.20
C VAL A 32 -5.02 -46.29 -16.32
N THR A 33 -5.34 -45.31 -15.48
CA THR A 33 -6.49 -45.39 -14.59
C THR A 33 -7.00 -43.98 -14.37
N ASP A 34 -8.20 -43.85 -13.79
CA ASP A 34 -8.77 -42.55 -13.52
C ASP A 34 -8.40 -42.09 -12.12
N PHE A 35 -8.18 -40.78 -11.97
CA PHE A 35 -7.86 -40.22 -10.67
C PHE A 35 -8.08 -38.71 -10.65
N ASN A 36 -8.57 -38.21 -9.52
CA ASN A 36 -8.83 -36.80 -9.36
C ASN A 36 -9.53 -36.24 -10.60
N ASP A 37 -8.80 -35.50 -11.43
CA ASP A 37 -9.39 -34.89 -12.62
C ASP A 37 -8.75 -35.38 -13.92
N VAL A 38 -8.08 -36.51 -13.87
CA VAL A 38 -7.43 -37.07 -15.04
C VAL A 38 -8.05 -38.41 -15.42
N LYS A 39 -8.69 -38.47 -16.58
CA LYS A 39 -9.32 -39.71 -17.02
C LYS A 39 -8.28 -40.67 -17.57
N ALA A 40 -8.46 -41.96 -17.33
CA ALA A 40 -7.53 -42.97 -17.81
C ALA A 40 -7.39 -42.86 -19.33
N GLY A 41 -6.16 -42.95 -19.82
CA GLY A 41 -5.94 -42.86 -21.25
C GLY A 41 -5.48 -41.50 -21.75
N THR A 42 -5.49 -40.49 -20.88
CA THR A 42 -5.06 -39.16 -21.30
C THR A 42 -3.56 -38.99 -21.13
N SER A 43 -2.92 -38.33 -22.08
CA SER A 43 -1.48 -38.11 -22.05
C SER A 43 -1.12 -36.80 -21.37
N GLY A 44 -0.07 -36.84 -20.55
CA GLY A 44 0.37 -35.65 -19.84
C GLY A 44 1.72 -35.13 -20.31
N GLY A 45 2.57 -34.71 -19.37
CA GLY A 45 3.88 -34.19 -19.71
C GLY A 45 4.93 -35.25 -19.97
N TRP A 46 6.19 -34.83 -20.06
CA TRP A 46 7.28 -35.76 -20.34
C TRP A 46 8.33 -35.79 -19.25
N VAL A 47 8.85 -36.98 -18.97
CA VAL A 47 9.87 -37.18 -17.95
C VAL A 47 11.04 -38.01 -18.50
N ASP A 48 12.07 -38.22 -17.68
CA ASP A 48 13.21 -39.01 -18.12
C ASP A 48 13.45 -40.20 -17.18
N ALA A 49 12.50 -40.42 -16.29
CA ALA A 49 12.57 -41.53 -15.34
C ALA A 49 11.18 -41.80 -14.77
N ASP A 50 10.95 -43.01 -14.27
CA ASP A 50 9.65 -43.35 -13.72
C ASP A 50 9.52 -42.83 -12.29
N ASN A 51 10.65 -42.46 -11.70
CA ASN A 51 10.66 -41.96 -10.33
C ASN A 51 10.47 -40.45 -10.29
N VAL A 52 10.32 -39.84 -11.45
CA VAL A 52 10.12 -38.39 -11.53
C VAL A 52 8.71 -38.03 -11.06
N LEU A 53 7.74 -38.84 -11.44
CA LEU A 53 6.35 -38.60 -11.05
C LEU A 53 5.86 -39.79 -10.24
N SER A 54 5.47 -39.53 -9.00
CA SER A 54 5.01 -40.58 -8.12
C SER A 54 3.76 -41.30 -8.61
N GLN A 55 3.74 -42.62 -8.44
CA GLN A 55 2.60 -43.43 -8.85
C GLN A 55 1.48 -43.25 -7.81
N GLN A 56 1.85 -42.72 -6.65
CA GLN A 56 0.89 -42.47 -5.59
C GLN A 56 0.46 -41.00 -5.58
N GLY A 57 -0.66 -40.72 -4.93
CA GLY A 57 -1.14 -39.36 -4.86
C GLY A 57 -1.74 -38.93 -6.19
N ASP A 58 -2.20 -37.68 -6.25
CA ASP A 58 -2.80 -37.14 -7.45
C ASP A 58 -1.82 -36.35 -8.30
N CYS A 59 -0.57 -36.22 -7.86
CA CYS A 59 0.38 -35.44 -8.65
C CYS A 59 0.30 -35.84 -10.12
N TRP A 60 0.41 -34.86 -11.01
CA TRP A 60 0.34 -35.11 -12.43
C TRP A 60 0.87 -33.94 -13.26
N ILE A 61 1.42 -34.25 -14.42
CA ILE A 61 1.95 -33.24 -15.33
C ILE A 61 0.94 -33.20 -16.48
N TYR A 62 0.10 -32.16 -16.49
CA TYR A 62 -0.96 -32.03 -17.48
C TYR A 62 -0.61 -31.66 -18.93
N ASP A 63 0.23 -30.66 -19.13
CA ASP A 63 0.57 -30.23 -20.48
C ASP A 63 1.46 -31.22 -21.20
N GLU A 64 1.13 -31.50 -22.46
CA GLU A 64 1.93 -32.43 -23.25
C GLU A 64 3.25 -31.80 -23.69
N ASN A 65 3.47 -30.55 -23.31
CA ASN A 65 4.70 -29.86 -23.66
C ASN A 65 5.58 -29.65 -22.44
N ALA A 66 5.07 -30.05 -21.27
CA ALA A 66 5.83 -29.88 -20.03
C ALA A 66 6.96 -30.90 -19.90
N ALA A 68 10.01 -32.54 -17.09
CA ALA A 68 10.47 -32.74 -15.72
C ALA A 68 11.52 -33.85 -15.74
N PHE A 69 12.79 -33.47 -15.65
CA PHE A 69 13.86 -34.44 -15.72
C PHE A 69 15.07 -34.12 -14.84
N ALA A 70 16.11 -34.92 -15.00
CA ALA A 70 17.36 -34.76 -14.27
C ALA A 70 17.24 -34.70 -12.74
N GLY A 71 16.66 -35.74 -12.13
CA GLY A 71 16.55 -35.75 -10.68
C GLY A 71 15.32 -35.15 -10.05
N THR A 72 14.51 -34.44 -10.84
CA THR A 72 13.28 -33.83 -10.34
C THR A 72 12.33 -34.88 -9.79
N GLU A 73 11.71 -34.60 -8.64
CA GLU A 73 10.76 -35.54 -8.05
C GLU A 73 9.41 -34.89 -7.72
N ILE A 74 8.34 -35.38 -8.33
CA ILE A 74 7.01 -34.86 -8.10
C ILE A 74 6.25 -35.90 -7.27
N THR A 75 5.80 -35.50 -6.09
CA THR A 75 5.07 -36.40 -5.20
C THR A 75 3.79 -35.77 -4.64
N GLY A 76 3.08 -36.53 -3.81
CA GLY A 76 1.85 -36.01 -3.22
C GLY A 76 0.80 -35.67 -4.26
N ASN A 77 0.14 -34.53 -4.06
CA ASN A 77 -0.91 -34.10 -4.99
C ASN A 77 -0.51 -32.90 -5.85
N ALA A 78 0.80 -32.65 -5.98
CA ALA A 78 1.27 -31.52 -6.78
C ALA A 78 0.73 -31.54 -8.21
N ARG A 79 0.27 -30.38 -8.67
CA ARG A 79 -0.26 -30.27 -10.03
C ARG A 79 0.63 -29.36 -10.87
N ILE A 80 1.16 -29.89 -11.96
CA ILE A 80 2.01 -29.12 -12.88
C ILE A 80 1.16 -28.91 -14.13
N THR A 81 0.74 -27.67 -14.35
CA THR A 81 -0.10 -27.34 -15.49
C THR A 81 0.58 -26.42 -16.50
N GLN A 82 0.21 -26.55 -17.76
CA GLN A 82 0.78 -25.74 -18.82
C GLN A 82 2.24 -26.10 -19.06
N PRO A 83 2.83 -25.52 -20.10
CA PRO A 83 4.23 -25.79 -20.42
C PRO A 83 5.12 -25.38 -19.26
N CYS A 84 5.78 -26.36 -18.66
CA CYS A 84 6.68 -26.14 -17.53
C CYS A 84 7.98 -26.91 -17.76
N THR A 85 9.05 -26.45 -17.13
CA THR A 85 10.34 -27.12 -17.24
C THR A 85 10.89 -27.32 -15.85
N LEU A 86 10.96 -28.56 -15.39
CA LEU A 86 11.47 -28.85 -14.05
C LEU A 86 12.68 -29.78 -14.14
N TYR A 87 13.85 -29.26 -13.81
CA TYR A 87 15.07 -30.06 -13.88
C TYR A 87 16.15 -29.73 -12.85
N ASN A 88 17.02 -30.71 -12.63
CA ASN A 88 18.14 -30.61 -11.70
C ASN A 88 17.79 -30.66 -10.23
N ASN A 89 17.41 -31.85 -9.76
CA ASN A 89 17.12 -32.09 -8.35
C ASN A 89 16.03 -31.23 -7.70
N VAL A 90 15.00 -30.88 -8.46
CA VAL A 90 13.94 -30.09 -7.90
C VAL A 90 12.95 -31.02 -7.20
N ARG A 91 12.39 -30.56 -6.08
CA ARG A 91 11.40 -31.35 -5.34
C ARG A 91 10.09 -30.58 -5.24
N ILE A 92 9.03 -31.20 -5.73
CA ILE A 92 7.70 -30.61 -5.72
C ILE A 92 6.76 -31.63 -5.09
N GLY A 93 5.99 -31.22 -4.09
CA GLY A 93 5.09 -32.16 -3.45
C GLY A 93 3.84 -31.58 -2.80
N ASP A 94 3.29 -32.34 -1.87
CA ASP A 94 2.09 -31.94 -1.13
C ASP A 94 0.95 -31.47 -2.01
N ASN A 95 0.55 -30.22 -1.84
CA ASN A 95 -0.54 -29.67 -2.61
C ASN A 95 -0.07 -28.45 -3.39
N VAL A 96 1.17 -28.50 -3.86
CA VAL A 96 1.76 -27.40 -4.63
C VAL A 96 1.19 -27.33 -6.03
N TRP A 97 1.09 -26.12 -6.56
CA TRP A 97 0.59 -25.92 -7.91
C TRP A 97 1.59 -25.09 -8.70
N ILE A 98 2.20 -25.71 -9.71
CA ILE A 98 3.16 -25.03 -10.57
C ILE A 98 2.42 -24.84 -11.90
N ASP A 99 2.31 -23.59 -12.34
CA ASP A 99 1.60 -23.27 -13.58
C ASP A 99 2.48 -22.45 -14.52
N ARG A 100 2.74 -23.00 -15.71
CA ARG A 100 3.57 -22.36 -16.72
C ARG A 100 4.77 -21.65 -16.12
N ALA A 101 5.62 -22.41 -15.46
CA ALA A 101 6.81 -21.82 -14.85
C ALA A 101 7.96 -22.81 -14.87
N ASP A 102 9.19 -22.29 -14.81
CA ASP A 102 10.36 -23.15 -14.80
C ASP A 102 10.95 -23.17 -13.40
N ILE A 103 11.22 -24.37 -12.91
CA ILE A 103 11.81 -24.57 -11.59
C ILE A 103 13.07 -25.39 -11.78
N SER A 104 14.19 -24.92 -11.24
CA SER A 104 15.44 -25.68 -11.41
C SER A 104 16.52 -25.48 -10.35
N ASP A 105 17.50 -26.37 -10.43
CA ASP A 105 18.68 -26.39 -9.56
C ASP A 105 18.42 -26.61 -8.07
N GLY A 106 17.72 -27.70 -7.76
CA GLY A 106 17.47 -28.05 -6.37
C GLY A 106 16.43 -27.31 -5.54
N ALA A 107 15.53 -26.61 -6.20
CA ALA A 107 14.48 -25.87 -5.49
C ALA A 107 13.52 -26.85 -4.84
N ARG A 108 13.05 -26.52 -3.64
CA ARG A 108 12.09 -27.38 -2.95
C ARG A 108 10.83 -26.55 -2.68
N ILE A 109 9.71 -26.99 -3.24
CA ILE A 109 8.44 -26.30 -3.11
C ILE A 109 7.44 -27.22 -2.42
N SER A 110 6.87 -26.75 -1.31
CA SER A 110 5.97 -27.58 -0.52
C SER A 110 4.61 -27.01 -0.19
N ASP A 111 3.89 -27.79 0.62
CA ASP A 111 2.56 -27.44 1.12
C ASP A 111 1.56 -26.96 0.08
N ASN A 112 1.15 -25.71 0.18
CA ASN A 112 0.16 -25.18 -0.76
C ASN A 112 0.64 -24.02 -1.63
N VAL A 113 1.94 -23.96 -1.87
CA VAL A 113 2.51 -22.89 -2.70
C VAL A 113 2.01 -22.88 -4.14
N THR A 114 2.00 -21.69 -4.73
CA THR A 114 1.60 -21.52 -6.11
C THR A 114 2.77 -20.81 -6.80
N ILE A 115 3.19 -21.34 -7.93
CA ILE A 115 4.25 -20.71 -8.71
C ILE A 115 3.61 -20.61 -10.10
N GLN A 116 3.37 -19.38 -10.57
CA GLN A 116 2.74 -19.21 -11.87
C GLN A 116 3.44 -18.15 -12.75
N SER A 117 3.64 -18.48 -14.02
CA SER A 117 4.30 -17.57 -14.97
C SER A 117 5.57 -16.97 -14.41
N SER A 118 6.37 -17.79 -13.74
CA SER A 118 7.59 -17.29 -13.15
C SER A 118 8.67 -18.35 -13.18
N SER A 119 9.86 -18.02 -12.71
CA SER A 119 10.94 -18.97 -12.70
C SER A 119 11.63 -18.97 -11.34
N VAL A 120 12.02 -20.16 -10.91
CA VAL A 120 12.70 -20.36 -9.64
C VAL A 120 13.93 -21.18 -9.95
N ARG A 121 15.06 -20.77 -9.41
CA ARG A 121 16.30 -21.48 -9.66
C ARG A 121 17.23 -21.51 -8.45
N GLU A 122 17.74 -22.71 -8.18
CA GLU A 122 18.69 -22.97 -7.09
C GLU A 122 18.09 -23.38 -5.75
N GLU A 123 18.98 -23.80 -4.86
CA GLU A 123 18.62 -24.24 -3.52
C GLU A 123 17.86 -23.13 -2.81
N CYS A 124 16.58 -23.37 -2.57
CA CYS A 124 15.73 -22.41 -1.88
C CYS A 124 14.48 -23.14 -1.47
N ALA A 125 13.77 -22.61 -0.49
CA ALA A 125 12.57 -23.27 -0.05
C ALA A 125 11.36 -22.36 -0.12
N ILE A 126 10.34 -22.82 -0.85
CA ILE A 126 9.09 -22.08 -0.99
C ILE A 126 8.08 -23.05 -0.40
N TYR A 127 7.46 -22.65 0.70
CA TYR A 127 6.48 -23.50 1.35
C TYR A 127 5.35 -22.69 1.97
N GLY A 128 4.49 -23.36 2.74
CA GLY A 128 3.35 -22.67 3.34
C GLY A 128 2.35 -22.34 2.26
N ASP A 129 1.76 -21.14 2.30
CA ASP A 129 0.78 -20.77 1.28
C ASP A 129 1.28 -19.66 0.35
N ALA A 130 2.59 -19.53 0.22
CA ALA A 130 3.16 -18.48 -0.63
C ALA A 130 2.72 -18.56 -2.08
N ARG A 131 2.67 -17.39 -2.72
CA ARG A 131 2.28 -17.27 -4.11
C ARG A 131 3.33 -16.47 -4.88
N VAL A 132 3.98 -17.10 -5.85
CA VAL A 132 4.98 -16.42 -6.66
C VAL A 132 4.31 -16.34 -8.01
N LEU A 133 3.96 -15.14 -8.42
CA LEU A 133 3.22 -14.97 -9.66
C LEU A 133 3.71 -13.89 -10.59
N ASN A 134 3.09 -13.86 -11.76
CA ASN A 134 3.31 -12.82 -12.75
C ASN A 134 4.76 -12.38 -13.06
N GLN A 135 5.50 -13.24 -13.73
CA GLN A 135 6.87 -12.93 -14.13
C GLN A 135 7.86 -12.68 -13.01
N SER A 136 7.70 -13.40 -11.91
CA SER A 136 8.64 -13.23 -10.83
C SER A 136 9.83 -14.12 -11.15
N GLU A 137 10.97 -13.77 -10.57
CA GLU A 137 12.19 -14.53 -10.80
C GLU A 137 12.83 -14.76 -9.44
N ILE A 138 12.89 -16.02 -9.03
CA ILE A 138 13.49 -16.36 -7.75
C ILE A 138 14.85 -16.98 -8.06
N LEU A 139 15.92 -16.26 -7.72
CA LEU A 139 17.25 -16.77 -7.99
C LEU A 139 18.08 -16.86 -6.71
N ALA A 140 18.24 -18.07 -6.19
CA ALA A 140 19.00 -18.29 -4.98
C ALA A 140 20.46 -18.65 -5.28
N ALA A 149 25.10 -18.37 6.76
CA ALA A 149 24.76 -19.38 5.75
C ALA A 149 23.30 -19.81 5.87
N GLN A 150 22.47 -19.31 4.97
CA GLN A 150 21.05 -19.63 4.97
C GLN A 150 20.58 -19.62 3.52
N ILE A 151 19.47 -20.30 3.25
CA ILE A 151 18.93 -20.34 1.90
C ILE A 151 17.75 -19.39 1.76
N LEU A 152 17.50 -18.97 0.53
CA LEU A 152 16.41 -18.07 0.25
C LEU A 152 15.13 -18.80 0.60
N GLN A 153 14.24 -18.12 1.35
CA GLN A 153 12.98 -18.74 1.76
C GLN A 153 11.78 -17.81 1.53
N ILE A 154 10.70 -18.39 1.02
CA ILE A 154 9.45 -17.69 0.74
C ILE A 154 8.38 -18.59 1.33
N TYR A 155 7.73 -18.16 2.40
CA TYR A 155 6.71 -19.00 3.02
C TYR A 155 5.54 -18.26 3.68
N ASP A 156 4.81 -18.97 4.54
CA ASP A 156 3.62 -18.43 5.20
C ASP A 156 2.64 -17.99 4.11
N ARG A 157 2.16 -16.75 4.20
CA ARG A 157 1.19 -16.25 3.22
C ARG A 157 1.79 -15.18 2.28
N ALA A 158 3.11 -15.12 2.23
CA ALA A 158 3.81 -14.16 1.40
C ALA A 158 3.40 -14.20 -0.09
N THR A 159 3.19 -13.03 -0.67
CA THR A 159 2.80 -12.93 -2.07
C THR A 159 3.83 -12.17 -2.89
N VAL A 160 4.24 -12.75 -4.02
CA VAL A 160 5.24 -12.13 -4.88
C VAL A 160 4.73 -11.93 -6.31
N ASN A 161 4.74 -10.69 -6.75
CA ASN A 161 4.25 -10.34 -8.08
C ASN A 161 5.32 -9.68 -8.95
N HIS A 162 5.66 -10.33 -10.06
CA HIS A 162 6.62 -9.74 -10.99
C HIS A 162 7.80 -9.12 -10.24
N SER A 163 8.44 -9.92 -9.40
CA SER A 163 9.57 -9.45 -8.63
C SER A 163 10.79 -10.34 -8.79
N ARG A 164 11.94 -9.77 -8.46
CA ARG A 164 13.18 -10.49 -8.54
C ARG A 164 13.69 -10.68 -7.10
N ILE A 165 13.64 -11.92 -6.61
CA ILE A 165 14.07 -12.27 -5.26
C ILE A 165 15.37 -13.05 -5.44
N VAL A 166 16.47 -12.53 -4.91
CA VAL A 166 17.77 -13.15 -5.11
C VAL A 166 18.58 -13.44 -3.85
N HIS A 167 19.51 -14.38 -4.00
CA HIS A 167 20.44 -14.77 -2.93
C HIS A 167 19.89 -15.56 -1.77
N GLN A 168 19.71 -14.90 -0.63
CA GLN A 168 19.24 -15.59 0.57
C GLN A 168 18.13 -14.83 1.27
N VAL A 169 17.38 -14.07 0.49
CA VAL A 169 16.27 -13.27 1.00
C VAL A 169 15.19 -14.11 1.69
N GLN A 170 14.59 -13.55 2.73
CA GLN A 170 13.52 -14.23 3.47
C GLN A 170 12.23 -13.41 3.31
N LEU A 171 11.17 -14.04 2.80
CA LEU A 171 9.88 -13.38 2.64
C LEU A 171 8.84 -14.25 3.34
N TYR A 172 8.15 -13.71 4.33
CA TYR A 172 7.14 -14.50 5.03
C TYR A 172 6.04 -13.65 5.67
N GLY A 173 5.31 -14.23 6.61
CA GLY A 173 4.24 -13.49 7.23
C GLY A 173 3.19 -13.25 6.16
N ASN A 174 2.60 -12.06 6.15
CA ASN A 174 1.58 -11.71 5.18
C ASN A 174 2.12 -10.63 4.25
N ALA A 175 3.44 -10.62 4.06
CA ALA A 175 4.08 -9.63 3.19
C ALA A 175 3.54 -9.69 1.77
N THR A 176 3.49 -8.54 1.13
CA THR A 176 3.02 -8.43 -0.25
C THR A 176 4.06 -7.65 -1.04
N ILE A 177 4.73 -8.35 -1.94
CA ILE A 177 5.79 -7.76 -2.76
C ILE A 177 5.44 -7.68 -4.24
N THR A 178 5.50 -6.47 -4.80
CA THR A 178 5.19 -6.28 -6.21
C THR A 178 6.20 -5.35 -6.89
N HIS A 179 6.70 -5.77 -8.05
CA HIS A 179 7.65 -4.96 -8.79
C HIS A 179 8.84 -4.57 -7.95
N ALA A 180 9.51 -5.54 -7.36
CA ALA A 180 10.64 -5.22 -6.53
C ALA A 180 11.85 -6.10 -6.77
N PHE A 181 12.98 -5.60 -6.31
CA PHE A 181 14.22 -6.34 -6.39
C PHE A 181 14.62 -6.42 -4.91
N ILE A 182 14.49 -7.61 -4.33
CA ILE A 182 14.86 -7.83 -2.94
C ILE A 182 16.04 -8.78 -3.04
N GLU A 183 17.17 -8.41 -2.45
CA GLU A 183 18.36 -9.23 -2.56
C GLU A 183 19.19 -9.48 -1.30
N HIS A 184 20.22 -10.30 -1.48
CA HIS A 184 21.15 -10.68 -0.42
C HIS A 184 20.47 -11.32 0.77
N ARG A 185 20.40 -10.62 1.89
CA ARG A 185 19.78 -11.20 3.08
C ARG A 185 18.62 -10.35 3.59
N ALA A 186 18.03 -9.57 2.69
CA ALA A 186 16.89 -8.73 3.07
C ALA A 186 15.73 -9.61 3.50
N GLU A 187 14.90 -9.08 4.39
CA GLU A 187 13.73 -9.80 4.87
C GLU A 187 12.53 -8.88 4.86
N VAL A 188 11.37 -9.43 4.47
CA VAL A 188 10.10 -8.71 4.42
C VAL A 188 9.05 -9.63 5.04
N PHE A 189 8.34 -9.15 6.05
CA PHE A 189 7.34 -9.99 6.70
C PHE A 189 6.24 -9.21 7.40
N ASP A 190 5.48 -9.90 8.24
CA ASP A 190 4.35 -9.31 8.93
C ASP A 190 3.40 -8.84 7.83
N PHE A 191 2.96 -7.58 7.90
CA PHE A 191 2.03 -7.05 6.89
C PHE A 191 2.75 -6.07 5.98
N ALA A 192 4.05 -6.24 5.83
CA ALA A 192 4.84 -5.36 5.00
C ALA A 192 4.30 -5.28 3.58
N LEU A 193 4.31 -4.07 3.02
CA LEU A 193 3.86 -3.88 1.66
C LEU A 193 5.01 -3.29 0.86
N ILE A 194 5.44 -3.99 -0.17
CA ILE A 194 6.51 -3.51 -1.04
C ILE A 194 5.82 -3.34 -2.39
N GLU A 195 5.56 -2.09 -2.75
CA GLU A 195 4.85 -1.77 -3.98
C GLU A 195 5.58 -0.89 -4.99
N GLY A 196 6.10 -1.51 -6.04
CA GLY A 196 6.75 -0.75 -7.10
C GLY A 196 5.72 -0.60 -8.20
N ASP A 197 6.06 0.11 -9.28
CA ASP A 197 5.12 0.25 -10.39
C ASP A 197 5.86 -0.01 -11.70
N LYS A 198 5.19 0.10 -12.84
CA LYS A 198 5.86 -0.19 -14.11
C LYS A 198 6.97 0.76 -14.52
N ASP A 199 7.03 1.92 -13.91
CA ASP A 199 8.08 2.88 -14.24
C ASP A 199 9.25 2.80 -13.28
N ASN A 200 8.98 2.30 -12.06
CA ASN A 200 10.01 2.20 -11.03
C ASN A 200 9.79 1.02 -10.08
N ASN A 201 10.84 0.24 -9.86
CA ASN A 201 10.75 -0.89 -8.93
C ASN A 201 11.14 -0.35 -7.55
N VAL A 202 11.02 -1.19 -6.54
CA VAL A 202 11.44 -0.82 -5.19
C VAL A 202 12.71 -1.64 -4.97
N TRP A 203 13.71 -1.06 -4.31
CA TRP A 203 14.97 -1.78 -4.06
C TRP A 203 15.22 -2.05 -2.57
N ILE A 204 15.43 -3.31 -2.23
CA ILE A 204 15.69 -3.74 -0.85
C ILE A 204 16.92 -4.62 -0.92
N CYS A 205 17.99 -4.21 -0.26
CA CYS A 205 19.23 -4.96 -0.35
C CYS A 205 19.92 -5.31 0.97
N ASP A 206 21.13 -5.85 0.84
CA ASP A 206 21.96 -6.21 1.97
C ASP A 206 21.22 -6.92 3.08
N CYS A 207 21.12 -6.28 4.25
CA CYS A 207 20.43 -6.87 5.40
C CYS A 207 19.22 -6.03 5.83
N ALA A 208 18.63 -5.32 4.89
CA ALA A 208 17.48 -4.48 5.16
C ALA A 208 16.28 -5.32 5.56
N LYS A 209 15.43 -4.76 6.40
CA LYS A 209 14.23 -5.45 6.82
C LYS A 209 13.02 -4.53 6.80
N VAL A 210 11.92 -5.03 6.24
CA VAL A 210 10.66 -4.30 6.20
C VAL A 210 9.64 -5.23 6.84
N TYR A 211 8.99 -4.78 7.91
CA TYR A 211 8.02 -5.61 8.62
C TYR A 211 6.90 -4.80 9.28
N GLY A 212 6.21 -5.40 10.24
CA GLY A 212 5.10 -4.70 10.88
C GLY A 212 4.07 -4.34 9.82
N HIS A 213 3.70 -3.06 9.76
CA HIS A 213 2.72 -2.60 8.77
C HIS A 213 3.41 -1.62 7.83
N ALA A 214 4.73 -1.76 7.70
CA ALA A 214 5.52 -0.89 6.86
C ALA A 214 5.06 -0.89 5.41
N ARG A 215 5.23 0.25 4.76
CA ARG A 215 4.86 0.40 3.37
C ARG A 215 5.97 1.14 2.64
N VAL A 216 6.44 0.53 1.56
CA VAL A 216 7.49 1.09 0.72
C VAL A 216 6.91 1.11 -0.68
N ILE A 217 6.53 2.30 -1.13
CA ILE A 217 5.90 2.51 -2.43
C ILE A 217 6.74 3.34 -3.38
N ALA A 218 6.99 2.82 -4.57
CA ALA A 218 7.77 3.53 -5.57
C ALA A 218 6.97 4.74 -6.05
N GLY A 219 7.67 5.75 -6.57
CA GLY A 219 7.03 6.94 -7.07
C GLY A 219 6.80 6.88 -8.57
N THR A 220 6.23 7.94 -9.13
CA THR A 220 5.95 7.97 -10.57
C THR A 220 7.00 8.69 -11.41
N GLU A 221 7.73 9.62 -10.80
CA GLU A 221 8.74 10.36 -11.54
C GLU A 221 9.94 9.46 -11.85
N GLU A 222 10.71 9.84 -12.87
CA GLU A 222 11.85 9.05 -13.26
C GLU A 222 12.78 8.78 -12.09
N ASP A 223 13.24 7.53 -11.98
CA ASP A 223 14.15 7.11 -10.92
C ASP A 223 13.67 7.30 -9.47
N ALA A 224 12.34 7.33 -9.27
CA ALA A 224 11.78 7.48 -7.93
C ALA A 224 11.78 6.10 -7.27
N ILE A 225 12.97 5.56 -7.06
CA ILE A 225 13.15 4.24 -6.50
C ILE A 225 13.48 4.19 -5.01
N PRO A 226 12.52 3.77 -4.18
CA PRO A 226 12.78 3.68 -2.74
C PRO A 226 13.92 2.65 -2.59
N THR A 227 14.99 3.02 -1.91
CA THR A 227 16.13 2.13 -1.80
C THR A 227 16.59 1.89 -0.37
N LEU A 228 16.49 0.65 0.08
CA LEU A 228 16.90 0.29 1.44
C LEU A 228 18.20 -0.50 1.39
N ARG A 229 19.24 0.05 2.00
CA ARG A 229 20.55 -0.59 2.00
C ARG A 229 21.10 -0.93 3.37
N TYR A 230 22.18 -1.69 3.35
CA TYR A 230 22.88 -2.13 4.56
C TYR A 230 21.92 -2.77 5.56
N SER A 231 21.76 -2.14 6.72
CA SER A 231 20.90 -2.70 7.75
C SER A 231 19.70 -1.82 8.06
N SER A 232 19.35 -0.92 7.15
CA SER A 232 18.22 -0.03 7.35
C SER A 232 16.92 -0.83 7.52
N GLN A 233 15.96 -0.24 8.21
CA GLN A 233 14.69 -0.90 8.44
C GLN A 233 13.51 0.06 8.41
N VAL A 234 12.35 -0.46 8.02
CA VAL A 234 11.12 0.31 8.01
C VAL A 234 10.19 -0.58 8.82
N ALA A 235 9.60 -0.02 9.86
CA ALA A 235 8.75 -0.82 10.74
C ALA A 235 7.45 -0.17 11.15
N GLU A 236 6.71 -0.92 11.96
CA GLU A 236 5.45 -0.49 12.52
C GLU A 236 4.49 0.05 11.47
N HIS A 237 4.22 1.35 11.46
CA HIS A 237 3.28 1.92 10.48
C HIS A 237 3.97 2.90 9.53
N ALA A 238 5.29 2.92 9.53
CA ALA A 238 6.00 3.85 8.66
C ALA A 238 5.65 3.68 7.19
N LEU A 239 5.66 4.79 6.46
CA LEU A 239 5.38 4.77 5.03
C LEU A 239 6.49 5.55 4.31
N ILE A 240 7.07 4.92 3.30
CA ILE A 240 8.13 5.53 2.51
C ILE A 240 7.72 5.48 1.05
N GLU A 241 7.75 6.63 0.38
CA GLU A 241 7.35 6.70 -1.01
C GLU A 241 8.28 7.59 -1.84
N GLY A 242 8.47 7.22 -3.10
CA GLY A 242 9.30 8.02 -3.98
C GLY A 242 10.79 7.80 -3.87
N ASN A 243 11.54 8.79 -4.33
CA ASN A 243 12.98 8.73 -4.34
C ASN A 243 13.56 8.92 -2.95
N CYS A 244 13.73 7.81 -2.24
CA CYS A 244 14.28 7.82 -0.89
C CYS A 244 15.32 6.73 -0.73
N VAL A 245 16.45 7.08 -0.13
CA VAL A 245 17.49 6.09 0.08
C VAL A 245 17.84 6.02 1.57
N LEU A 246 17.73 4.82 2.13
CA LEU A 246 18.05 4.58 3.53
C LEU A 246 19.34 3.77 3.58
N LYS A 247 20.30 4.25 4.38
CA LYS A 247 21.58 3.59 4.51
C LYS A 247 21.97 3.07 5.89
N HIS A 248 23.20 3.38 6.32
CA HIS A 248 23.73 2.90 7.59
C HIS A 248 22.97 3.26 8.86
N HIS A 249 22.58 2.23 9.60
CA HIS A 249 21.88 2.40 10.87
C HIS A 249 20.68 3.35 10.79
N VAL A 250 19.73 3.02 9.94
CA VAL A 250 18.54 3.84 9.78
C VAL A 250 17.27 3.04 10.04
N LEU A 251 16.34 3.66 10.77
CA LEU A 251 15.06 3.05 11.06
C LEU A 251 13.95 4.07 11.04
N VAL A 252 12.92 3.78 10.24
CA VAL A 252 11.75 4.63 10.11
C VAL A 252 10.61 3.78 10.65
N GLY A 253 9.93 4.30 11.66
CA GLY A 253 8.84 3.55 12.25
C GLY A 253 7.75 4.47 12.75
N GLY A 254 7.11 4.08 13.86
CA GLY A 254 6.03 4.86 14.42
C GLY A 254 4.99 5.01 13.33
N HIS A 255 4.56 6.25 13.10
CA HIS A 255 3.59 6.54 12.07
C HIS A 255 4.22 7.57 11.14
N ALA A 256 5.55 7.54 11.05
CA ALA A 256 6.27 8.48 10.22
C ALA A 256 5.92 8.32 8.75
N GLU A 257 6.07 9.39 7.98
CA GLU A 257 5.77 9.37 6.56
C GLU A 257 6.85 10.12 5.79
N VAL A 258 7.60 9.41 4.95
CA VAL A 258 8.69 10.00 4.16
C VAL A 258 8.34 10.00 2.66
N ARG A 259 8.28 11.20 2.07
CA ARG A 259 7.95 11.37 0.66
C ARG A 259 8.78 12.46 -0.04
N GLY A 260 8.39 12.77 -1.27
CA GLY A 260 9.08 13.80 -2.05
C GLY A 260 10.28 13.25 -2.76
N GLY A 261 11.44 13.85 -2.52
CA GLY A 261 12.65 13.35 -3.13
C GLY A 261 13.48 14.39 -3.86
N PRO A 262 14.78 14.14 -3.99
CA PRO A 262 15.34 12.89 -3.46
C PRO A 262 15.68 12.98 -1.98
N ILE A 263 15.40 11.91 -1.24
CA ILE A 263 15.69 11.87 0.17
C ILE A 263 16.75 10.82 0.46
N LEU A 264 17.63 11.15 1.41
CA LEU A 264 18.71 10.25 1.82
C LEU A 264 18.82 10.26 3.33
N LEU A 265 18.82 9.08 3.94
CA LEU A 265 18.95 8.98 5.39
C LEU A 265 20.19 8.13 5.63
N ASP A 266 21.06 8.58 6.53
CA ASP A 266 22.27 7.81 6.78
C ASP A 266 22.99 8.15 8.09
N ASP A 267 23.68 7.14 8.62
CA ASP A 267 24.46 7.30 9.84
C ASP A 267 23.67 7.56 11.13
N ARG A 268 22.96 6.53 11.58
CA ARG A 268 22.18 6.63 12.81
C ARG A 268 21.10 7.70 12.75
N VAL A 269 20.03 7.37 12.05
CA VAL A 269 18.90 8.28 11.91
C VAL A 269 17.64 7.52 12.27
N LEU A 270 16.84 8.11 13.16
CA LEU A 270 15.60 7.50 13.60
C LEU A 270 14.42 8.43 13.37
N ILE A 271 13.49 7.98 12.53
CA ILE A 271 12.32 8.80 12.24
C ILE A 271 11.06 8.00 12.57
N GLU A 272 10.31 8.49 13.55
CA GLU A 272 9.09 7.81 13.98
C GLU A 272 8.03 8.79 14.48
N GLY A 273 7.25 8.36 15.46
CA GLY A 273 6.19 9.22 15.96
C GLY A 273 5.28 9.56 14.79
N HIS A 274 4.93 10.84 14.66
CA HIS A 274 4.06 11.33 13.58
C HIS A 274 4.87 12.04 12.50
N ALA A 275 6.19 12.03 12.63
CA ALA A 275 7.04 12.72 11.67
C ALA A 275 6.63 12.60 10.20
N CYS A 276 6.62 13.75 9.51
CA CYS A 276 6.31 13.80 8.09
C CYS A 276 7.54 14.42 7.43
N ILE A 277 8.22 13.65 6.58
CA ILE A 277 9.41 14.13 5.89
C ILE A 277 9.04 14.24 4.40
N GLN A 278 9.03 15.45 3.87
CA GLN A 278 8.65 15.64 2.46
C GLN A 278 9.55 16.61 1.69
N GLY A 279 10.11 16.13 0.57
CA GLY A 279 10.97 16.98 -0.24
C GLY A 279 12.40 16.49 -0.40
N GLU A 280 13.23 17.32 -1.03
CA GLU A 280 14.64 16.97 -1.23
C GLU A 280 15.37 17.22 0.07
N ILE A 281 15.53 16.17 0.87
CA ILE A 281 16.16 16.28 2.17
C ILE A 281 17.27 15.28 2.48
N LEU A 282 18.38 15.79 3.00
CA LEU A 282 19.50 14.96 3.40
C LEU A 282 19.56 14.97 4.93
N ILE A 283 19.39 13.81 5.54
CA ILE A 283 19.42 13.70 7.00
C ILE A 283 20.51 12.71 7.38
N GLU A 284 21.39 13.12 8.28
CA GLU A 284 22.49 12.25 8.65
C GLU A 284 23.15 12.52 10.00
N ARG A 285 23.83 11.50 10.50
CA ARG A 285 24.60 11.53 11.74
C ARG A 285 23.82 11.81 13.02
N GLN A 286 23.38 10.72 13.66
CA GLN A 286 22.66 10.80 14.91
C GLN A 286 21.54 11.82 14.96
N VAL A 287 20.61 11.72 14.02
CA VAL A 287 19.47 12.62 14.02
C VAL A 287 18.24 11.81 14.38
N GLU A 288 17.39 12.38 15.24
CA GLU A 288 16.14 11.73 15.65
C GLU A 288 14.97 12.66 15.36
N ILE A 289 13.96 12.15 14.66
CA ILE A 289 12.78 12.95 14.34
C ILE A 289 11.51 12.20 14.70
N SER A 290 10.71 12.77 15.60
CA SER A 290 9.45 12.15 16.00
C SER A 290 8.44 13.21 16.43
N GLY A 291 7.49 12.83 17.29
CA GLY A 291 6.48 13.77 17.71
C GLY A 291 5.64 14.14 16.50
N ARG A 292 5.19 15.39 16.45
CA ARG A 292 4.38 15.87 15.33
C ARG A 292 5.21 16.74 14.41
N ALA A 293 6.52 16.54 14.46
CA ALA A 293 7.47 17.29 13.67
C ALA A 293 7.25 17.17 12.17
N ALA A 294 7.54 18.26 11.46
CA ALA A 294 7.39 18.31 10.02
C ALA A 294 8.63 18.93 9.41
N VAL A 295 9.21 18.23 8.44
CA VAL A 295 10.40 18.72 7.74
C VAL A 295 10.03 18.74 6.26
N ILE A 296 9.57 19.88 5.78
CA ILE A 296 9.14 19.99 4.40
C ILE A 296 9.95 20.96 3.57
N ALA A 297 10.53 20.43 2.49
CA ALA A 297 11.34 21.22 1.57
C ALA A 297 10.44 21.52 0.39
N PHE A 298 9.89 22.73 0.37
CA PHE A 298 8.99 23.15 -0.70
C PHE A 298 9.63 23.15 -2.08
N ASP A 299 9.15 22.23 -2.91
CA ASP A 299 9.58 22.02 -4.29
C ASP A 299 10.95 22.57 -4.68
N ASP A 300 11.10 23.89 -4.69
CA ASP A 300 12.39 24.47 -5.07
C ASP A 300 13.50 24.28 -4.02
N ASN A 301 13.14 24.47 -2.75
CA ASN A 301 14.09 24.38 -1.64
C ASN A 301 14.68 23.01 -1.36
N THR A 302 15.75 23.01 -0.57
CA THR A 302 16.46 21.81 -0.16
C THR A 302 16.72 21.91 1.34
N ILE A 303 16.84 20.75 2.00
CA ILE A 303 17.10 20.73 3.43
C ILE A 303 18.16 19.74 3.82
N HIS A 304 19.16 20.20 4.58
CA HIS A 304 20.25 19.34 5.02
C HIS A 304 20.33 19.35 6.55
N LEU A 305 20.06 18.19 7.14
CA LEU A 305 20.12 18.06 8.58
C LEU A 305 21.25 17.12 8.96
N ARG A 306 22.09 17.55 9.88
CA ARG A 306 23.22 16.75 10.37
C ARG A 306 23.23 16.92 11.88
N GLY A 307 23.32 15.81 12.62
CA GLY A 307 23.32 15.88 14.06
C GLY A 307 24.69 15.83 14.72
N PRO A 308 24.75 15.36 15.98
CA PRO A 308 23.55 14.91 16.70
C PRO A 308 22.50 16.00 16.81
N LYS A 309 21.23 15.60 16.75
CA LYS A 309 20.12 16.54 16.84
C LYS A 309 18.80 15.81 17.01
N VAL A 310 17.91 16.43 17.76
CA VAL A 310 16.59 15.88 18.06
C VAL A 310 15.49 16.84 17.56
N ILE A 311 14.57 16.32 16.76
CA ILE A 311 13.47 17.10 16.22
C ILE A 311 12.16 16.48 16.67
N ASN A 312 11.37 17.21 17.45
CA ASN A 312 10.10 16.65 17.93
C ASN A 312 9.02 17.68 18.17
N GLY A 313 8.16 17.40 19.15
CA GLY A 313 7.07 18.31 19.44
C GLY A 313 6.41 18.84 18.18
N GLU A 314 6.49 20.15 18.00
CA GLU A 314 5.90 20.77 16.83
C GLU A 314 6.96 21.48 16.00
N ASP A 315 8.15 20.91 15.99
CA ASP A 315 9.24 21.45 15.22
C ASP A 315 8.78 21.47 13.77
N ARG A 316 9.03 22.58 13.08
CA ARG A 316 8.64 22.74 11.69
C ARG A 316 9.83 23.33 10.93
N ILE A 317 10.57 22.47 10.23
CA ILE A 317 11.74 22.91 9.48
C ILE A 317 11.42 23.01 7.99
N THR A 318 11.59 24.21 7.42
CA THR A 318 11.33 24.42 6.01
C THR A 318 12.63 24.72 5.28
N ARG A 319 13.71 24.89 6.04
CA ARG A 319 15.02 25.16 5.47
C ARG A 319 16.17 24.78 6.40
N THR A 320 17.39 24.81 5.86
CA THR A 320 18.57 24.45 6.63
C THR A 320 18.99 25.57 7.59
N LYS B 3 -2.64 36.49 30.60
CA LYS B 3 -1.63 36.07 29.59
C LYS B 3 -1.34 37.14 28.52
N TYR B 4 -2.34 37.94 28.17
CA TYR B 4 -2.12 38.94 27.14
C TYR B 4 -3.11 40.09 27.19
N ARG B 5 -2.84 41.09 26.37
CA ARG B 5 -3.70 42.27 26.24
C ARG B 5 -3.88 42.50 24.74
N LEU B 6 -4.94 43.21 24.36
CA LEU B 6 -5.17 43.49 22.95
C LEU B 6 -4.60 44.86 22.60
N SER B 7 -4.08 45.01 21.39
CA SER B 7 -3.53 46.29 20.97
C SER B 7 -4.66 47.29 21.01
N GLU B 8 -4.33 48.58 21.05
CA GLU B 8 -5.35 49.62 21.11
C GLU B 8 -6.04 49.91 19.79
N GLY B 9 -5.24 50.19 18.76
CA GLY B 9 -5.79 50.50 17.45
C GLY B 9 -6.22 49.29 16.64
N PRO B 10 -7.50 49.21 16.27
CA PRO B 10 -7.98 48.08 15.48
C PRO B 10 -7.47 48.21 14.05
N ARG B 11 -7.39 47.10 13.34
CA ARG B 11 -6.93 47.12 11.96
C ARG B 11 -7.82 46.17 11.16
N ALA B 12 -8.00 46.48 9.88
CA ALA B 12 -8.83 45.65 9.02
C ALA B 12 -7.99 44.58 8.31
N PHE B 13 -8.50 43.36 8.30
CA PHE B 13 -7.81 42.26 7.63
C PHE B 13 -8.74 41.64 6.60
N THR B 14 -8.19 41.37 5.42
CA THR B 14 -8.98 40.78 4.35
C THR B 14 -8.87 39.26 4.29
N TYR B 15 -9.93 38.64 3.83
CA TYR B 15 -10.00 37.19 3.66
C TYR B 15 -11.11 36.95 2.65
N GLN B 16 -10.96 35.92 1.83
CA GLN B 16 -11.98 35.62 0.83
C GLN B 16 -12.74 34.35 1.11
N VAL B 17 -14.06 34.41 0.90
CA VAL B 17 -14.94 33.27 1.14
C VAL B 17 -15.73 33.00 -0.13
N ASP B 18 -15.55 31.82 -0.69
CA ASP B 18 -16.24 31.43 -1.91
C ASP B 18 -15.98 32.41 -3.04
N GLY B 19 -14.72 32.81 -3.20
CA GLY B 19 -14.36 33.73 -4.26
C GLY B 19 -14.68 35.20 -4.04
N GLU B 20 -15.17 35.55 -2.85
CA GLU B 20 -15.49 36.95 -2.58
C GLU B 20 -14.50 37.50 -1.54
N LYS B 21 -14.20 38.79 -1.65
CA LYS B 21 -13.28 39.44 -0.73
C LYS B 21 -14.03 39.98 0.46
N LYS B 22 -13.56 39.65 1.66
CA LYS B 22 -14.19 40.10 2.88
C LYS B 22 -13.13 40.61 3.86
N SER B 23 -13.51 41.53 4.72
CA SER B 23 -12.58 42.08 5.70
C SER B 23 -13.22 42.10 7.08
N VAL B 24 -12.38 42.22 8.11
CA VAL B 24 -12.85 42.24 9.49
C VAL B 24 -11.90 43.10 10.32
N LEU B 25 -12.45 43.76 11.34
CA LEU B 25 -11.66 44.61 12.22
C LEU B 25 -11.15 43.78 13.40
N LEU B 26 -9.84 43.74 13.56
CA LEU B 26 -9.22 42.95 14.63
C LEU B 26 -8.18 43.71 15.44
N ARG B 27 -7.90 43.20 16.63
CA ARG B 27 -6.92 43.76 17.53
C ARG B 27 -5.84 42.71 17.73
N GLN B 28 -4.59 43.14 17.74
CA GLN B 28 -3.48 42.22 17.89
C GLN B 28 -3.23 41.80 19.35
N VAL B 29 -3.02 40.51 19.57
CA VAL B 29 -2.74 39.99 20.90
C VAL B 29 -1.27 40.27 21.24
N ILE B 30 -1.05 40.76 22.46
CA ILE B 30 0.28 41.08 22.92
C ILE B 30 0.46 40.45 24.29
N ALA B 31 1.47 39.60 24.41
CA ALA B 31 1.74 38.92 25.68
C ALA B 31 2.17 39.88 26.78
N VAL B 32 1.59 39.73 27.96
CA VAL B 32 1.91 40.58 29.09
C VAL B 32 2.65 39.80 30.17
N THR B 33 3.19 38.64 29.79
CA THR B 33 3.92 37.79 30.72
C THR B 33 4.57 36.63 29.98
N ASP B 34 5.49 35.93 30.63
CA ASP B 34 6.16 34.80 30.00
C ASP B 34 5.34 33.53 30.21
N PHE B 35 5.21 32.74 29.16
CA PHE B 35 4.48 31.48 29.24
C PHE B 35 4.86 30.56 28.08
N ASN B 36 5.24 29.34 28.43
CA ASN B 36 5.67 28.34 27.45
C ASN B 36 6.83 28.89 26.63
N ASP B 37 6.66 28.95 25.31
CA ASP B 37 7.71 29.46 24.43
C ASP B 37 7.41 30.88 23.96
N VAL B 38 6.57 31.59 24.72
CA VAL B 38 6.18 32.95 24.39
C VAL B 38 6.70 33.92 25.45
N LYS B 39 7.52 34.87 25.04
CA LYS B 39 8.05 35.82 26.00
C LYS B 39 7.18 37.09 26.03
N ALA B 40 7.03 37.67 27.21
CA ALA B 40 6.24 38.88 27.37
C ALA B 40 6.72 39.97 26.42
N GLY B 41 5.77 40.76 25.92
CA GLY B 41 6.10 41.83 25.01
C GLY B 41 5.97 41.45 23.54
N THR B 42 5.92 40.15 23.25
CA THR B 42 5.80 39.69 21.86
C THR B 42 4.36 39.74 21.36
N SER B 43 4.20 40.13 20.10
CA SER B 43 2.89 40.22 19.48
C SER B 43 2.59 38.97 18.66
N GLY B 44 1.31 38.59 18.62
CA GLY B 44 0.93 37.41 17.87
C GLY B 44 -0.07 37.71 16.77
N GLY B 45 -1.11 36.88 16.69
CA GLY B 45 -2.14 37.06 15.69
C GLY B 45 -3.16 38.12 16.04
N TRP B 46 -4.27 38.13 15.31
CA TRP B 46 -5.32 39.11 15.53
C TRP B 46 -6.67 38.47 15.79
N VAL B 47 -7.45 39.10 16.67
CA VAL B 47 -8.76 38.58 17.04
C VAL B 47 -9.81 39.69 17.05
N ASP B 48 -11.07 39.31 17.26
CA ASP B 48 -12.15 40.28 17.28
C ASP B 48 -12.89 40.30 18.62
N ALA B 49 -12.30 39.66 19.63
CA ALA B 49 -12.89 39.61 20.96
C ALA B 49 -11.91 38.93 21.90
N ASP B 50 -11.95 39.30 23.19
CA ASP B 50 -11.04 38.73 24.18
C ASP B 50 -11.42 37.28 24.55
N ASN B 51 -12.54 36.80 24.04
CA ASN B 51 -12.94 35.43 24.33
C ASN B 51 -12.47 34.46 23.26
N VAL B 52 -11.99 35.01 22.14
CA VAL B 52 -11.51 34.17 21.05
C VAL B 52 -10.34 33.31 21.53
N LEU B 53 -9.37 33.98 22.17
CA LEU B 53 -8.19 33.31 22.68
C LEU B 53 -8.25 33.30 24.22
N SER B 54 -8.18 32.11 24.79
CA SER B 54 -8.23 31.95 26.24
C SER B 54 -7.04 32.55 26.96
N GLN B 55 -7.32 33.20 28.09
CA GLN B 55 -6.27 33.80 28.91
C GLN B 55 -5.56 32.70 29.68
N GLN B 56 -6.23 31.57 29.86
CA GLN B 56 -5.64 30.43 30.55
C GLN B 56 -4.94 29.47 29.60
N GLY B 57 -4.23 28.50 30.15
CA GLY B 57 -3.53 27.54 29.31
C GLY B 57 -2.40 28.15 28.50
N ASP B 58 -1.81 27.35 27.62
CA ASP B 58 -0.71 27.81 26.79
C ASP B 58 -1.09 28.15 25.34
N CYS B 59 -2.38 28.01 25.01
CA CYS B 59 -2.81 28.31 23.64
C CYS B 59 -2.37 29.71 23.23
N TRP B 60 -2.00 29.87 21.97
CA TRP B 60 -1.52 31.15 21.47
C TRP B 60 -1.46 31.21 19.94
N ILE B 61 -1.58 32.42 19.41
CA ILE B 61 -1.54 32.65 17.96
C ILE B 61 -0.22 33.38 17.69
N TYR B 62 0.74 32.68 17.10
CA TYR B 62 2.08 33.24 16.84
C TYR B 62 2.31 34.18 15.67
N ASP B 63 1.67 33.93 14.53
CA ASP B 63 1.89 34.79 13.35
C ASP B 63 1.15 36.13 13.43
N GLU B 64 1.84 37.20 13.05
CA GLU B 64 1.24 38.53 13.07
C GLU B 64 0.27 38.76 11.90
N ASN B 65 0.05 37.72 11.11
CA ASN B 65 -0.87 37.80 9.98
C ASN B 65 -2.01 36.84 10.22
N ALA B 66 -1.99 36.18 11.38
CA ALA B 66 -3.02 35.23 11.75
C ALA B 66 -4.28 35.95 12.19
N ALA B 68 -8.34 35.33 13.85
CA ALA B 68 -9.27 34.46 14.57
C ALA B 68 -10.41 35.36 15.03
N PHE B 69 -11.61 35.08 14.54
CA PHE B 69 -12.75 35.92 14.88
C PHE B 69 -14.10 35.26 14.59
N ALA B 70 -15.16 36.06 14.65
CA ALA B 70 -16.52 35.62 14.39
C ALA B 70 -16.95 34.38 15.17
N GLY B 71 -16.84 34.44 16.49
CA GLY B 71 -17.25 33.33 17.32
C GLY B 71 -16.28 32.19 17.53
N THR B 72 -15.09 32.28 16.96
CA THR B 72 -14.11 31.22 17.15
C THR B 72 -13.58 31.28 18.58
N GLU B 73 -13.24 30.13 19.14
CA GLU B 73 -12.72 30.07 20.50
C GLU B 73 -11.52 29.12 20.63
N ILE B 74 -10.35 29.69 20.93
CA ILE B 74 -9.13 28.89 21.10
C ILE B 74 -8.87 28.75 22.60
N THR B 75 -8.71 27.51 23.06
CA THR B 75 -8.46 27.25 24.48
C THR B 75 -7.43 26.15 24.69
N GLY B 76 -7.15 25.86 25.97
CA GLY B 76 -6.18 24.84 26.30
C GLY B 76 -4.76 25.28 25.94
N ASN B 77 -4.04 24.39 25.28
CA ASN B 77 -2.68 24.65 24.87
C ASN B 77 -2.58 24.68 23.34
N ALA B 78 -3.71 24.90 22.68
CA ALA B 78 -3.74 24.91 21.22
C ALA B 78 -2.74 25.88 20.61
N ARG B 79 -1.90 25.37 19.72
CA ARG B 79 -0.94 26.23 19.07
C ARG B 79 -1.34 26.52 17.64
N ILE B 80 -1.39 27.81 17.31
CA ILE B 80 -1.74 28.28 15.97
C ILE B 80 -0.52 28.98 15.40
N THR B 81 0.13 28.35 14.42
CA THR B 81 1.33 28.94 13.83
C THR B 81 1.18 29.28 12.36
N GLN B 82 2.01 30.21 11.89
CA GLN B 82 1.98 30.66 10.50
C GLN B 82 0.63 31.30 10.16
N PRO B 83 0.56 31.97 9.00
CA PRO B 83 -0.70 32.63 8.62
C PRO B 83 -1.89 31.69 8.63
N CYS B 84 -2.87 32.00 9.46
CA CYS B 84 -4.07 31.18 9.56
C CYS B 84 -5.30 32.06 9.61
N THR B 85 -6.44 31.45 9.32
CA THR B 85 -7.72 32.14 9.30
C THR B 85 -8.76 31.22 9.93
N LEU B 86 -9.23 31.57 11.11
CA LEU B 86 -10.25 30.77 11.79
C LEU B 86 -11.44 31.67 12.07
N TYR B 87 -12.61 31.27 11.61
CA TYR B 87 -13.79 32.08 11.81
C TYR B 87 -15.10 31.32 11.68
N ASN B 88 -16.14 31.89 12.29
CA ASN B 88 -17.49 31.33 12.31
C ASN B 88 -17.63 30.14 13.26
N ASN B 89 -17.67 30.45 14.55
CA ASN B 89 -17.86 29.45 15.59
C ASN B 89 -16.95 28.22 15.56
N VAL B 90 -15.68 28.46 15.28
CA VAL B 90 -14.71 27.38 15.24
C VAL B 90 -14.23 27.11 16.65
N ARG B 91 -13.89 25.85 16.93
CA ARG B 91 -13.39 25.50 18.26
C ARG B 91 -12.05 24.76 18.16
N ILE B 92 -11.06 25.26 18.90
CA ILE B 92 -9.73 24.66 18.93
C ILE B 92 -9.25 24.62 20.38
N GLY B 93 -9.01 23.42 20.88
CA GLY B 93 -8.56 23.29 22.26
C GLY B 93 -7.50 22.24 22.49
N ASP B 94 -7.48 21.71 23.72
CA ASP B 94 -6.54 20.69 24.12
C ASP B 94 -5.11 20.99 23.68
N ASN B 95 -4.48 20.02 23.00
CA ASN B 95 -3.11 20.20 22.53
C ASN B 95 -3.04 20.25 21.01
N VAL B 96 -4.12 20.73 20.40
CA VAL B 96 -4.21 20.84 18.95
C VAL B 96 -3.13 21.72 18.35
N TRP B 97 -2.78 21.44 17.10
CA TRP B 97 -1.78 22.25 16.40
C TRP B 97 -2.27 22.62 15.02
N ILE B 98 -2.40 23.93 14.78
CA ILE B 98 -2.86 24.44 13.51
C ILE B 98 -1.72 25.24 12.88
N ASP B 99 -1.35 24.87 11.65
CA ASP B 99 -0.23 25.51 10.97
C ASP B 99 -0.56 25.87 9.52
N ARG B 100 -0.40 27.15 9.20
CA ARG B 100 -0.66 27.68 7.86
C ARG B 100 -1.86 26.97 7.24
N ALA B 101 -2.99 27.02 7.94
CA ALA B 101 -4.20 26.38 7.48
C ALA B 101 -5.41 27.27 7.77
N ASP B 102 -6.52 27.02 7.08
CA ASP B 102 -7.74 27.78 7.27
C ASP B 102 -8.82 26.88 7.85
N ILE B 103 -9.52 27.37 8.85
CA ILE B 103 -10.57 26.60 9.50
C ILE B 103 -11.78 27.50 9.74
N SER B 104 -12.96 27.02 9.34
CA SER B 104 -14.16 27.81 9.53
C SER B 104 -15.46 27.00 9.53
N ASP B 105 -16.54 27.73 9.83
CA ASP B 105 -17.89 27.21 9.87
C ASP B 105 -18.19 26.12 10.89
N GLY B 106 -17.90 26.41 12.16
CA GLY B 106 -18.19 25.47 13.22
C GLY B 106 -17.38 24.20 13.30
N ALA B 107 -16.21 24.17 12.66
CA ALA B 107 -15.36 22.98 12.71
C ALA B 107 -14.76 22.90 14.12
N ARG B 108 -14.74 21.70 14.68
CA ARG B 108 -14.20 21.51 16.03
C ARG B 108 -12.99 20.58 16.01
N ILE B 109 -11.80 21.13 16.26
CA ILE B 109 -10.57 20.35 16.28
C ILE B 109 -10.13 20.15 17.74
N SER B 110 -9.96 18.90 18.16
CA SER B 110 -9.60 18.62 19.54
C SER B 110 -8.43 17.68 19.78
N ASP B 111 -8.16 17.43 21.06
CA ASP B 111 -7.08 16.55 21.50
C ASP B 111 -5.70 16.90 20.95
N ASN B 112 -5.05 15.94 20.27
CA ASN B 112 -3.71 16.20 19.73
C ASN B 112 -3.66 16.32 18.22
N VAL B 113 -4.76 16.76 17.63
CA VAL B 113 -4.85 16.90 16.19
C VAL B 113 -3.89 17.91 15.57
N THR B 114 -3.58 17.68 14.29
CA THR B 114 -2.70 18.56 13.52
C THR B 114 -3.35 18.86 12.17
N ILE B 115 -3.43 20.13 11.82
CA ILE B 115 -3.95 20.54 10.53
C ILE B 115 -2.85 21.47 10.01
N GLN B 116 -2.20 21.08 8.91
CA GLN B 116 -1.12 21.88 8.34
C GLN B 116 -1.26 22.10 6.84
N SER B 117 -0.98 23.33 6.40
CA SER B 117 -1.09 23.69 4.98
C SER B 117 -2.36 23.12 4.36
N SER B 118 -3.45 23.13 5.12
CA SER B 118 -4.73 22.60 4.64
C SER B 118 -5.90 23.50 5.04
N SER B 119 -7.11 23.10 4.66
CA SER B 119 -8.29 23.87 5.00
C SER B 119 -9.41 22.95 5.44
N VAL B 120 -10.15 23.40 6.45
CA VAL B 120 -11.27 22.65 7.00
C VAL B 120 -12.47 23.59 7.05
N ARG B 121 -13.62 23.15 6.53
CA ARG B 121 -14.79 24.02 6.55
C ARG B 121 -16.08 23.27 6.85
N GLU B 122 -16.90 23.88 7.70
CA GLU B 122 -18.20 23.37 8.13
C GLU B 122 -18.15 22.44 9.33
N GLU B 123 -19.35 22.10 9.83
CA GLU B 123 -19.50 21.27 11.02
C GLU B 123 -18.94 19.85 10.92
N CYS B 124 -17.79 19.63 11.54
CA CYS B 124 -17.15 18.33 11.54
C CYS B 124 -16.36 18.17 12.84
N ALA B 125 -15.85 16.98 13.09
CA ALA B 125 -15.08 16.76 14.31
C ALA B 125 -13.79 16.03 14.00
N ILE B 126 -12.68 16.73 14.16
CA ILE B 126 -11.37 16.15 13.92
C ILE B 126 -10.72 16.15 15.29
N TYR B 127 -10.52 14.96 15.85
CA TYR B 127 -9.91 14.81 17.16
C TYR B 127 -8.97 13.62 17.22
N GLY B 128 -8.55 13.27 18.43
CA GLY B 128 -7.63 12.16 18.60
C GLY B 128 -6.24 12.61 18.15
N ASP B 129 -5.50 11.71 17.52
CA ASP B 129 -4.17 12.06 17.06
C ASP B 129 -4.15 12.20 15.53
N ALA B 130 -5.32 12.51 14.96
CA ALA B 130 -5.46 12.67 13.52
C ALA B 130 -4.54 13.74 12.93
N ARG B 131 -4.08 13.49 11.70
CA ARG B 131 -3.21 14.44 11.03
C ARG B 131 -3.73 14.75 9.64
N VAL B 132 -4.06 16.02 9.40
CA VAL B 132 -4.54 16.46 8.09
C VAL B 132 -3.42 17.38 7.61
N LEU B 133 -2.77 16.96 6.53
CA LEU B 133 -1.65 17.72 6.02
C LEU B 133 -1.60 17.92 4.52
N ASN B 134 -0.55 18.62 4.14
CA ASN B 134 -0.18 18.93 2.77
C ASN B 134 -1.29 19.20 1.76
N GLN B 135 -1.91 20.38 1.86
CA GLN B 135 -2.95 20.77 0.91
C GLN B 135 -4.23 19.96 0.92
N SER B 136 -4.60 19.40 2.07
CA SER B 136 -5.83 18.64 2.14
C SER B 136 -7.00 19.63 2.23
N GLU B 137 -8.17 19.20 1.76
CA GLU B 137 -9.34 20.05 1.81
C GLU B 137 -10.49 19.27 2.45
N ILE B 138 -10.94 19.75 3.60
CA ILE B 138 -12.02 19.09 4.31
C ILE B 138 -13.27 19.94 4.29
N LEU B 139 -14.26 19.50 3.53
CA LEU B 139 -15.52 20.23 3.39
C LEU B 139 -16.69 19.41 3.91
N ALA B 140 -17.09 19.67 5.15
CA ALA B 140 -18.23 18.99 5.75
C ALA B 140 -19.52 19.63 5.27
N ILE B 141 -20.62 18.88 5.37
CA ILE B 141 -21.92 19.38 4.95
C ILE B 141 -23.04 18.46 5.41
N GLN B 150 -25.46 12.47 11.05
CA GLN B 150 -24.04 12.19 11.28
C GLN B 150 -23.15 13.21 10.59
N ILE B 151 -22.17 13.73 11.31
CA ILE B 151 -21.25 14.72 10.75
C ILE B 151 -19.92 14.08 10.42
N LEU B 152 -19.18 14.71 9.53
CA LEU B 152 -17.88 14.23 9.10
C LEU B 152 -16.87 14.12 10.25
N GLN B 153 -16.24 12.96 10.39
CA GLN B 153 -15.27 12.78 11.46
C GLN B 153 -13.97 12.15 11.01
N ILE B 154 -12.87 12.69 11.52
CA ILE B 154 -11.53 12.20 11.25
C ILE B 154 -10.90 12.10 12.63
N TYR B 155 -10.60 10.89 13.08
CA TYR B 155 -10.00 10.72 14.41
C TYR B 155 -9.05 9.56 14.58
N ASP B 156 -8.77 9.23 15.84
CA ASP B 156 -7.84 8.19 16.20
C ASP B 156 -6.47 8.62 15.67
N ARG B 157 -5.84 7.79 14.85
CA ARG B 157 -4.52 8.13 14.31
C ARG B 157 -4.53 8.26 12.78
N ALA B 158 -5.71 8.49 12.22
CA ALA B 158 -5.85 8.64 10.78
C ALA B 158 -4.97 9.77 10.27
N THR B 159 -4.37 9.57 9.10
CA THR B 159 -3.50 10.55 8.47
C THR B 159 -4.02 10.87 7.07
N VAL B 160 -4.38 12.14 6.85
CA VAL B 160 -4.88 12.58 5.56
C VAL B 160 -3.80 13.45 4.90
N ASN B 161 -3.48 13.14 3.65
CA ASN B 161 -2.44 13.88 2.92
C ASN B 161 -2.88 14.33 1.53
N HIS B 162 -2.85 15.64 1.30
CA HIS B 162 -3.23 16.20 0.00
C HIS B 162 -4.46 15.44 -0.52
N SER B 163 -5.48 15.36 0.33
CA SER B 163 -6.71 14.66 -0.02
C SER B 163 -7.90 15.58 0.20
N ARG B 164 -9.01 15.23 -0.43
CA ARG B 164 -10.25 15.99 -0.33
C ARG B 164 -11.30 15.09 0.31
N ILE B 165 -11.64 15.40 1.56
CA ILE B 165 -12.66 14.65 2.29
C ILE B 165 -13.90 15.53 2.34
N VAL B 166 -15.05 14.97 1.97
CA VAL B 166 -16.26 15.78 1.93
C VAL B 166 -17.55 15.14 2.47
N HIS B 167 -18.55 15.98 2.68
CA HIS B 167 -19.87 15.56 3.15
C HIS B 167 -19.89 15.03 4.58
N GLN B 168 -20.05 13.72 4.73
CA GLN B 168 -20.10 13.13 6.06
C GLN B 168 -19.15 11.93 6.20
N VAL B 169 -18.05 11.96 5.45
CA VAL B 169 -17.08 10.86 5.51
C VAL B 169 -16.54 10.64 6.92
N GLN B 170 -16.20 9.38 7.21
CA GLN B 170 -15.66 8.99 8.50
C GLN B 170 -14.30 8.34 8.25
N LEU B 171 -13.25 8.90 8.84
CA LEU B 171 -11.90 8.34 8.70
C LEU B 171 -11.32 8.16 10.10
N TYR B 172 -10.90 6.94 10.44
CA TYR B 172 -10.34 6.69 11.77
C TYR B 172 -9.38 5.49 11.87
N GLY B 173 -9.19 4.99 13.08
CA GLY B 173 -8.27 3.88 13.27
C GLY B 173 -6.87 4.37 12.91
N ASN B 174 -6.19 3.62 12.06
CA ASN B 174 -4.83 3.98 11.63
C ASN B 174 -4.84 4.16 10.12
N ALA B 175 -6.00 4.50 9.58
CA ALA B 175 -6.12 4.68 8.14
C ALA B 175 -5.08 5.69 7.69
N THR B 176 -4.47 5.42 6.54
CA THR B 176 -3.45 6.29 5.96
C THR B 176 -3.93 6.66 4.55
N ILE B 177 -4.51 7.84 4.41
CA ILE B 177 -5.03 8.32 3.13
C ILE B 177 -4.09 9.34 2.47
N THR B 178 -3.89 9.21 1.17
CA THR B 178 -3.04 10.14 0.43
C THR B 178 -3.52 10.29 -1.00
N HIS B 179 -3.70 11.54 -1.44
CA HIS B 179 -4.15 11.81 -2.79
C HIS B 179 -5.43 11.05 -3.13
N ALA B 180 -6.44 11.21 -2.28
CA ALA B 180 -7.71 10.55 -2.48
C ALA B 180 -8.84 11.56 -2.41
N PHE B 181 -10.00 11.14 -2.91
CA PHE B 181 -11.21 11.95 -2.90
C PHE B 181 -12.27 11.05 -2.27
N ILE B 182 -12.54 11.23 -0.98
CA ILE B 182 -13.56 10.41 -0.33
C ILE B 182 -14.80 11.26 -0.11
N GLU B 183 -15.93 10.79 -0.64
CA GLU B 183 -17.19 11.52 -0.56
C GLU B 183 -18.29 10.85 0.24
N HIS B 184 -19.43 11.54 0.26
CA HIS B 184 -20.66 11.10 0.92
C HIS B 184 -20.47 10.53 2.31
N ARG B 185 -20.78 9.24 2.46
CA ARG B 185 -20.68 8.57 3.74
C ARG B 185 -19.63 7.46 3.74
N ALA B 186 -18.55 7.65 2.98
CA ALA B 186 -17.50 6.66 2.92
C ALA B 186 -16.71 6.62 4.22
N GLU B 187 -16.24 5.44 4.58
CA GLU B 187 -15.45 5.26 5.78
C GLU B 187 -14.17 4.52 5.47
N VAL B 188 -13.09 4.89 6.15
CA VAL B 188 -11.80 4.24 5.97
C VAL B 188 -11.19 4.13 7.36
N PHE B 189 -10.94 2.92 7.82
CA PHE B 189 -10.37 2.74 9.14
C PHE B 189 -9.40 1.58 9.27
N ASP B 190 -9.19 1.13 10.50
CA ASP B 190 -8.25 0.04 10.79
C ASP B 190 -6.89 0.42 10.20
N PHE B 191 -6.27 -0.49 9.43
CA PHE B 191 -4.97 -0.19 8.83
C PHE B 191 -5.06 0.16 7.35
N ALA B 192 -6.26 0.49 6.89
CA ALA B 192 -6.51 0.82 5.49
C ALA B 192 -5.50 1.78 4.87
N LEU B 193 -5.06 1.47 3.66
CA LEU B 193 -4.12 2.31 2.95
C LEU B 193 -4.75 2.79 1.65
N ILE B 194 -4.97 4.10 1.53
CA ILE B 194 -5.52 4.67 0.30
C ILE B 194 -4.34 5.46 -0.23
N GLU B 195 -3.79 5.03 -1.36
CA GLU B 195 -2.61 5.70 -1.90
C GLU B 195 -2.68 6.12 -3.36
N GLY B 196 -3.03 7.38 -3.59
CA GLY B 196 -3.06 7.88 -4.94
C GLY B 196 -1.67 8.42 -5.24
N ASP B 197 -1.45 8.90 -6.46
CA ASP B 197 -0.16 9.47 -6.84
C ASP B 197 -0.45 10.78 -7.57
N LYS B 198 0.58 11.47 -8.04
CA LYS B 198 0.36 12.76 -8.69
C LYS B 198 -0.35 12.71 -10.04
N ASP B 199 -0.42 11.53 -10.64
CA ASP B 199 -1.12 11.41 -11.91
C ASP B 199 -2.52 10.83 -11.73
N ASN B 200 -2.74 10.12 -10.63
CA ASN B 200 -4.04 9.51 -10.37
C ASN B 200 -4.47 9.47 -8.91
N ASN B 201 -5.65 10.00 -8.64
CA ASN B 201 -6.18 9.98 -7.28
C ASN B 201 -6.91 8.68 -7.07
N VAL B 202 -7.40 8.49 -5.85
CA VAL B 202 -8.16 7.31 -5.54
C VAL B 202 -9.53 7.85 -5.16
N TRP B 203 -10.59 7.30 -5.75
CA TRP B 203 -11.93 7.77 -5.44
C TRP B 203 -12.74 6.75 -4.66
N ILE B 204 -13.24 7.16 -3.50
CA ILE B 204 -14.08 6.30 -2.68
C ILE B 204 -15.35 7.13 -2.47
N CYS B 205 -16.47 6.63 -2.97
CA CYS B 205 -17.73 7.36 -2.91
C CYS B 205 -18.84 6.69 -2.12
N ASP B 206 -19.99 7.35 -2.13
CA ASP B 206 -21.20 6.87 -1.49
C ASP B 206 -21.04 6.31 -0.07
N CYS B 207 -21.36 5.03 0.10
CA CYS B 207 -21.26 4.37 1.40
C CYS B 207 -20.17 3.30 1.38
N ALA B 208 -19.21 3.45 0.48
CA ALA B 208 -18.13 2.48 0.38
C ALA B 208 -17.33 2.49 1.67
N LYS B 209 -16.65 1.39 1.93
CA LYS B 209 -15.82 1.26 3.13
C LYS B 209 -14.53 0.51 2.84
N VAL B 210 -13.43 0.99 3.41
CA VAL B 210 -12.15 0.32 3.26
C VAL B 210 -11.55 0.21 4.67
N TYR B 211 -11.41 -1.01 5.17
CA TYR B 211 -10.85 -1.22 6.48
C TYR B 211 -9.95 -2.46 6.57
N GLY B 212 -9.72 -2.95 7.79
CA GLY B 212 -8.86 -4.10 7.96
C GLY B 212 -7.44 -3.71 7.54
N HIS B 213 -6.81 -4.55 6.74
CA HIS B 213 -5.44 -4.28 6.25
C HIS B 213 -5.49 -3.97 4.77
N ALA B 214 -6.69 -3.69 4.27
CA ALA B 214 -6.88 -3.40 2.84
C ALA B 214 -6.00 -2.27 2.29
N ARG B 215 -5.71 -2.39 1.00
CA ARG B 215 -4.92 -1.40 0.28
C ARG B 215 -5.60 -1.07 -1.04
N VAL B 216 -5.62 0.21 -1.39
CA VAL B 216 -6.18 0.67 -2.65
C VAL B 216 -5.10 1.61 -3.20
N ILE B 217 -4.49 1.22 -4.30
CA ILE B 217 -3.37 1.96 -4.87
C ILE B 217 -3.56 2.36 -6.32
N ALA B 218 -3.51 3.66 -6.59
CA ALA B 218 -3.67 4.16 -7.94
C ALA B 218 -2.56 3.62 -8.83
N GLY B 219 -2.83 3.56 -10.13
CA GLY B 219 -1.84 3.07 -11.06
C GLY B 219 -1.19 4.24 -11.78
N THR B 220 -0.17 3.97 -12.58
CA THR B 220 0.52 5.04 -13.30
C THR B 220 -0.12 5.41 -14.64
N GLU B 221 -0.95 4.52 -15.17
CA GLU B 221 -1.58 4.80 -16.46
C GLU B 221 -2.62 5.90 -16.42
N GLU B 222 -2.94 6.46 -17.58
CA GLU B 222 -3.92 7.54 -17.66
C GLU B 222 -5.25 7.10 -17.09
N ASP B 223 -5.72 7.86 -16.11
CA ASP B 223 -7.00 7.59 -15.46
C ASP B 223 -7.08 6.23 -14.75
N ALA B 224 -5.94 5.64 -14.42
CA ALA B 224 -5.95 4.36 -13.71
C ALA B 224 -6.39 4.69 -12.29
N ILE B 225 -7.62 5.17 -12.15
CA ILE B 225 -8.16 5.57 -10.85
C ILE B 225 -8.98 4.49 -10.12
N PRO B 226 -8.46 4.00 -8.98
CA PRO B 226 -9.22 2.98 -8.23
C PRO B 226 -10.47 3.70 -7.76
N THR B 227 -11.63 3.15 -8.09
CA THR B 227 -12.89 3.78 -7.74
C THR B 227 -13.83 2.83 -7.00
N LEU B 228 -14.15 3.18 -5.76
CA LEU B 228 -15.05 2.38 -4.93
C LEU B 228 -16.38 3.11 -4.80
N ARG B 229 -17.44 2.51 -5.35
CA ARG B 229 -18.76 3.12 -5.33
C ARG B 229 -19.83 2.38 -4.55
N TYR B 230 -20.99 3.04 -4.43
CA TYR B 230 -22.14 2.51 -3.71
C TYR B 230 -21.78 2.01 -2.32
N SER B 231 -21.89 0.71 -2.09
CA SER B 231 -21.55 0.20 -0.77
C SER B 231 -20.56 -0.95 -0.81
N SER B 232 -19.84 -1.08 -1.92
CA SER B 232 -18.86 -2.14 -2.06
C SER B 232 -17.76 -1.93 -1.02
N GLN B 233 -17.13 -3.00 -0.57
CA GLN B 233 -16.10 -2.88 0.45
C GLN B 233 -14.82 -3.62 0.13
N VAL B 234 -13.73 -3.21 0.79
CA VAL B 234 -12.44 -3.84 0.63
C VAL B 234 -11.84 -3.95 2.03
N ALA B 235 -11.63 -5.16 2.51
CA ALA B 235 -11.09 -5.32 3.85
C ALA B 235 -10.15 -6.52 4.02
N GLU B 236 -9.88 -6.88 5.26
CA GLU B 236 -8.99 -8.00 5.54
C GLU B 236 -7.61 -7.76 4.91
N HIS B 237 -7.16 -8.67 4.06
CA HIS B 237 -5.85 -8.54 3.43
C HIS B 237 -5.92 -8.34 1.92
N ALA B 238 -7.07 -7.90 1.44
CA ALA B 238 -7.26 -7.67 0.01
C ALA B 238 -6.47 -6.45 -0.45
N LEU B 239 -6.09 -6.44 -1.72
CA LEU B 239 -5.35 -5.34 -2.29
C LEU B 239 -5.88 -5.01 -3.68
N ILE B 240 -6.17 -3.73 -3.92
CA ILE B 240 -6.65 -3.30 -5.22
C ILE B 240 -5.75 -2.18 -5.75
N GLU B 241 -5.29 -2.34 -7.00
CA GLU B 241 -4.41 -1.37 -7.63
C GLU B 241 -4.73 -1.16 -9.09
N GLY B 242 -4.44 0.04 -9.58
CA GLY B 242 -4.66 0.35 -10.97
C GLY B 242 -6.08 0.79 -11.30
N ASN B 243 -6.40 0.74 -12.60
CA ASN B 243 -7.69 1.14 -13.13
C ASN B 243 -8.76 0.10 -12.77
N CYS B 244 -9.27 0.20 -11.54
CA CYS B 244 -10.29 -0.71 -11.04
C CYS B 244 -11.50 0.06 -10.55
N VAL B 245 -12.68 -0.44 -10.89
CA VAL B 245 -13.91 0.20 -10.47
C VAL B 245 -14.78 -0.85 -9.80
N LEU B 246 -15.25 -0.54 -8.60
CA LEU B 246 -16.11 -1.44 -7.86
C LEU B 246 -17.45 -0.72 -7.66
N LYS B 247 -18.53 -1.35 -8.13
CA LYS B 247 -19.85 -0.74 -8.01
C LYS B 247 -20.78 -1.38 -6.99
N HIS B 248 -21.95 -1.83 -7.44
CA HIS B 248 -22.96 -2.42 -6.56
C HIS B 248 -22.63 -3.74 -5.89
N HIS B 249 -22.69 -3.72 -4.56
CA HIS B 249 -22.44 -4.89 -3.72
C HIS B 249 -21.25 -5.77 -4.08
N VAL B 250 -20.07 -5.18 -4.03
CA VAL B 250 -18.85 -5.93 -4.29
C VAL B 250 -18.13 -6.00 -2.95
N LEU B 251 -17.56 -7.15 -2.64
CA LEU B 251 -16.83 -7.32 -1.39
C LEU B 251 -15.52 -8.03 -1.68
N VAL B 252 -14.42 -7.32 -1.49
CA VAL B 252 -13.11 -7.89 -1.72
C VAL B 252 -12.40 -8.03 -0.37
N GLY B 253 -12.10 -9.26 0.00
CA GLY B 253 -11.44 -9.53 1.25
C GLY B 253 -10.43 -10.66 1.12
N GLY B 254 -10.21 -11.36 2.23
CA GLY B 254 -9.24 -12.44 2.21
C GLY B 254 -7.87 -11.87 1.89
N HIS B 255 -7.14 -12.60 1.06
CA HIS B 255 -5.80 -12.20 0.63
C HIS B 255 -5.82 -12.00 -0.87
N ALA B 256 -6.99 -11.66 -1.39
CA ALA B 256 -7.17 -11.43 -2.81
C ALA B 256 -6.38 -10.23 -3.28
N GLU B 257 -6.03 -10.23 -4.56
CA GLU B 257 -5.28 -9.14 -5.17
C GLU B 257 -5.88 -8.87 -6.54
N VAL B 258 -6.24 -7.61 -6.78
CA VAL B 258 -6.83 -7.20 -8.05
C VAL B 258 -5.96 -6.10 -8.67
N ARG B 259 -5.52 -6.32 -9.90
CA ARG B 259 -4.68 -5.37 -10.63
C ARG B 259 -4.99 -5.37 -12.12
N GLY B 260 -4.22 -4.59 -12.87
CA GLY B 260 -4.38 -4.51 -14.32
C GLY B 260 -5.31 -3.42 -14.79
N GLY B 261 -6.34 -3.80 -15.54
CA GLY B 261 -7.30 -2.83 -16.02
C GLY B 261 -7.45 -2.71 -17.52
N PRO B 262 -8.55 -2.10 -17.96
CA PRO B 262 -9.50 -1.63 -16.96
C PRO B 262 -10.29 -2.80 -16.38
N ILE B 263 -10.62 -2.72 -15.09
CA ILE B 263 -11.39 -3.76 -14.44
C ILE B 263 -12.68 -3.17 -13.90
N LEU B 264 -13.75 -3.95 -13.96
CA LEU B 264 -15.05 -3.53 -13.43
C LEU B 264 -15.66 -4.69 -12.67
N LEU B 265 -16.00 -4.45 -11.40
CA LEU B 265 -16.64 -5.46 -10.57
C LEU B 265 -18.01 -4.86 -10.25
N ASP B 266 -19.07 -5.62 -10.50
CA ASP B 266 -20.42 -5.09 -10.26
C ASP B 266 -21.51 -6.14 -10.04
N ASP B 267 -22.50 -5.78 -9.22
CA ASP B 267 -23.66 -6.63 -8.93
C ASP B 267 -23.42 -7.98 -8.27
N ARG B 268 -23.14 -7.93 -6.96
CA ARG B 268 -22.92 -9.12 -6.14
C ARG B 268 -21.67 -9.94 -6.49
N VAL B 269 -20.52 -9.32 -6.29
CA VAL B 269 -19.25 -9.99 -6.55
C VAL B 269 -18.48 -10.13 -5.25
N LEU B 270 -18.10 -11.36 -4.94
CA LEU B 270 -17.35 -11.66 -3.74
C LEU B 270 -16.02 -12.30 -4.08
N ILE B 271 -14.94 -11.60 -3.77
CA ILE B 271 -13.61 -12.10 -4.08
C ILE B 271 -12.75 -12.15 -2.81
N GLU B 272 -12.31 -13.36 -2.47
CA GLU B 272 -11.48 -13.56 -1.29
C GLU B 272 -10.49 -14.69 -1.46
N GLY B 273 -10.06 -15.29 -0.35
CA GLY B 273 -9.09 -16.37 -0.41
C GLY B 273 -7.76 -15.86 -0.95
N HIS B 274 -7.16 -16.61 -1.87
CA HIS B 274 -5.87 -16.24 -2.47
C HIS B 274 -6.06 -15.63 -3.85
N ALA B 275 -7.31 -15.61 -4.32
CA ALA B 275 -7.61 -15.08 -5.64
C ALA B 275 -6.73 -13.94 -6.13
N CYS B 276 -6.28 -14.05 -7.37
CA CYS B 276 -5.48 -13.00 -8.01
C CYS B 276 -6.28 -12.71 -9.27
N ILE B 277 -6.48 -11.42 -9.52
CA ILE B 277 -7.23 -10.98 -10.69
C ILE B 277 -6.40 -9.85 -11.27
N GLN B 278 -5.95 -10.03 -12.50
CA GLN B 278 -5.10 -9.06 -13.14
C GLN B 278 -5.34 -8.86 -14.64
N GLY B 279 -5.49 -7.61 -15.05
CA GLY B 279 -5.71 -7.30 -16.47
C GLY B 279 -7.09 -6.72 -16.75
N GLU B 280 -7.47 -6.60 -18.01
CA GLU B 280 -8.78 -6.06 -18.33
C GLU B 280 -9.77 -7.19 -18.05
N ILE B 281 -10.51 -7.06 -16.96
CA ILE B 281 -11.46 -8.08 -16.55
C ILE B 281 -12.78 -7.49 -16.07
N LEU B 282 -13.87 -8.08 -16.54
CA LEU B 282 -15.22 -7.66 -16.16
C LEU B 282 -15.84 -8.83 -15.38
N ILE B 283 -16.15 -8.59 -14.11
CA ILE B 283 -16.75 -9.62 -13.26
C ILE B 283 -18.07 -9.08 -12.73
N GLU B 284 -19.14 -9.85 -12.89
CA GLU B 284 -20.44 -9.37 -12.45
C GLU B 284 -21.52 -10.43 -12.31
N ARG B 285 -22.55 -10.06 -11.55
CA ARG B 285 -23.71 -10.90 -11.38
C ARG B 285 -23.53 -12.21 -10.61
N GLN B 286 -23.46 -12.11 -9.28
CA GLN B 286 -23.33 -13.30 -8.43
C GLN B 286 -22.13 -14.18 -8.73
N VAL B 287 -20.93 -13.62 -8.64
CA VAL B 287 -19.71 -14.38 -8.86
C VAL B 287 -18.92 -14.39 -7.56
N GLU B 288 -18.49 -15.57 -7.15
CA GLU B 288 -17.74 -15.77 -5.92
C GLU B 288 -16.41 -16.41 -6.29
N ILE B 289 -15.31 -15.71 -6.01
CA ILE B 289 -13.98 -16.21 -6.32
C ILE B 289 -13.15 -16.28 -5.05
N SER B 290 -12.57 -17.44 -4.80
CA SER B 290 -11.74 -17.62 -3.61
C SER B 290 -10.72 -18.70 -3.90
N GLY B 291 -10.28 -19.40 -2.85
CA GLY B 291 -9.29 -20.44 -3.03
C GLY B 291 -8.03 -19.89 -3.68
N ARG B 292 -7.42 -20.66 -4.57
CA ARG B 292 -6.20 -20.21 -5.24
C ARG B 292 -6.43 -19.81 -6.70
N ALA B 293 -7.69 -19.65 -7.08
CA ALA B 293 -8.05 -19.27 -8.44
C ALA B 293 -7.25 -18.08 -8.96
N ALA B 294 -6.97 -18.14 -10.25
CA ALA B 294 -6.23 -17.10 -10.93
C ALA B 294 -7.02 -16.70 -12.17
N VAL B 295 -7.32 -15.42 -12.29
CA VAL B 295 -8.04 -14.90 -13.47
C VAL B 295 -7.10 -13.85 -14.01
N ILE B 296 -6.32 -14.24 -15.02
CA ILE B 296 -5.32 -13.36 -15.61
C ILE B 296 -5.56 -13.12 -17.09
N ALA B 297 -5.69 -11.85 -17.48
CA ALA B 297 -5.89 -11.49 -18.88
C ALA B 297 -4.56 -10.93 -19.39
N PHE B 298 -3.81 -11.76 -20.11
CA PHE B 298 -2.52 -11.37 -20.67
C PHE B 298 -2.72 -10.29 -21.73
N ASP B 299 -1.94 -9.22 -21.62
CA ASP B 299 -2.01 -8.09 -22.55
C ASP B 299 -2.63 -8.47 -23.88
N ASN B 301 -5.65 -9.04 -24.36
CA ASN B 301 -6.66 -10.00 -23.89
C ASN B 301 -7.69 -9.39 -22.94
N THR B 302 -8.85 -10.03 -22.88
CA THR B 302 -9.94 -9.57 -22.03
C THR B 302 -10.72 -10.77 -21.49
N ILE B 303 -11.29 -10.64 -20.30
CA ILE B 303 -12.04 -11.73 -19.70
C ILE B 303 -13.35 -11.23 -19.12
N HIS B 304 -14.41 -12.00 -19.33
CA HIS B 304 -15.73 -11.65 -18.83
C HIS B 304 -16.27 -12.82 -18.02
N LEU B 305 -16.51 -12.59 -16.74
CA LEU B 305 -17.06 -13.62 -15.87
C LEU B 305 -18.44 -13.18 -15.42
N ARG B 306 -19.41 -14.08 -15.50
CA ARG B 306 -20.77 -13.79 -15.08
C ARG B 306 -21.36 -14.98 -14.33
N GLY B 307 -22.02 -14.72 -13.20
CA GLY B 307 -22.61 -15.80 -12.41
C GLY B 307 -24.12 -15.90 -12.52
N PRO B 308 -24.77 -16.60 -11.58
CA PRO B 308 -24.13 -17.27 -10.44
C PRO B 308 -22.99 -18.21 -10.87
N LYS B 309 -21.88 -18.13 -10.14
CA LYS B 309 -20.71 -18.93 -10.46
C LYS B 309 -19.70 -18.89 -9.31
N VAL B 310 -19.15 -20.05 -8.99
CA VAL B 310 -18.15 -20.17 -7.93
C VAL B 310 -16.83 -20.59 -8.55
N ILE B 311 -15.82 -19.73 -8.42
CA ILE B 311 -14.50 -20.01 -8.93
C ILE B 311 -13.61 -20.21 -7.70
N ASN B 312 -12.98 -21.38 -7.59
CA ASN B 312 -12.13 -21.65 -6.44
C ASN B 312 -11.03 -22.67 -6.74
N GLY B 313 -10.63 -23.42 -5.71
CA GLY B 313 -9.59 -24.41 -5.88
C GLY B 313 -8.43 -23.82 -6.66
N GLU B 314 -8.08 -24.46 -7.77
CA GLU B 314 -7.00 -23.99 -8.62
C GLU B 314 -7.50 -23.60 -10.01
N ASP B 315 -8.72 -23.10 -10.09
CA ASP B 315 -9.28 -22.68 -11.35
C ASP B 315 -8.38 -21.65 -11.99
N ARG B 316 -8.02 -21.88 -13.24
CA ARG B 316 -7.16 -20.97 -13.97
C ARG B 316 -7.93 -20.46 -15.18
N ILE B 317 -8.27 -19.17 -15.17
CA ILE B 317 -9.04 -18.56 -16.24
C ILE B 317 -8.20 -17.56 -17.03
N THR B 318 -8.03 -17.79 -18.33
CA THR B 318 -7.27 -16.87 -19.16
C THR B 318 -8.13 -16.39 -20.33
N ARG B 319 -9.37 -16.83 -20.36
CA ARG B 319 -10.30 -16.41 -21.42
C ARG B 319 -11.74 -16.59 -20.95
N THR B 320 -12.64 -15.78 -21.51
CA THR B 320 -14.06 -15.85 -21.15
C THR B 320 -14.56 -17.27 -21.34
N PRO B 321 -15.10 -17.87 -20.27
CA PRO B 321 -15.62 -19.24 -20.37
C PRO B 321 -16.95 -19.26 -21.10
N LEU B 322 -16.98 -19.94 -22.24
CA LEU B 322 -18.16 -20.02 -23.08
C LEU B 322 -19.12 -21.13 -22.65
N VAL B 323 -19.62 -21.00 -21.42
CA VAL B 323 -20.56 -21.95 -20.85
C VAL B 323 -21.40 -21.26 -19.80
N GLY B 324 -22.33 -22.02 -19.22
CA GLY B 324 -23.17 -21.48 -18.17
C GLY B 324 -23.75 -20.10 -18.38
N SER B 325 -23.66 -19.29 -17.32
CA SER B 325 -24.20 -17.94 -17.31
C SER B 325 -23.67 -16.96 -18.36
N LEU B 326 -22.55 -17.26 -18.98
CA LEU B 326 -22.03 -16.34 -19.99
C LEU B 326 -22.93 -16.36 -21.23
N LEU B 327 -23.45 -17.53 -21.56
CA LEU B 327 -24.28 -17.70 -22.75
C LEU B 327 -25.78 -17.73 -22.47
N GLU B 328 -26.17 -17.68 -21.20
CA GLU B 328 -27.58 -17.75 -20.86
C GLU B 328 -27.91 -17.05 -19.55
N HIS B 329 -28.67 -15.97 -19.62
CA HIS B 329 -29.09 -15.23 -18.44
C HIS B 329 -30.51 -15.68 -18.09
N HIS B 330 -31.02 -15.17 -16.97
CA HIS B 330 -32.38 -15.49 -16.53
C HIS B 330 -32.68 -16.98 -16.62
#